data_6SEN
#
_entry.id   6SEN
#
_cell.length_a   66.490
_cell.length_b   132.070
_cell.length_c   62.020
_cell.angle_alpha   90.000
_cell.angle_beta   115.870
_cell.angle_gamma   90.000
#
_symmetry.space_group_name_H-M   'C 1 2 1'
#
loop_
_entity.id
_entity.type
_entity.pdbx_description
1 polymer 'Transcriptional enhancer factor TEF-3'
2 polymer 'Protein FAM181A'
3 non-polymer 'SULFATE ION'
4 water water
#
loop_
_entity_poly.entity_id
_entity_poly.type
_entity_poly.pdbx_seq_one_letter_code
_entity_poly.pdbx_strand_id
1 'polypeptide(L)'
;GPRSVASSKLWMLEFSAFLEQQQDPDTYNKHLFVHIGQSSPSYSDPYLEAVDIRQIYDKFPEKKGGLKDLFERGPSNAFF
LVKFWADLNTNIEDEGSSFYGVSSQYESPENMIITCSTKVCSFGKQVVE(MYK)VETEYARYENGHYSYRIHRSPLCEYM
INFIHKLKHLPEKYMMNSVLENFTILQVVTNRDTQETLLCIAYVFEVSASEHGAQHHIYRLVKE
;
A,B
2 'polypeptide(L)' (ACE)VPMRKRQLPASFWEEP(NH2) L,M
#
loop_
_chem_comp.id
_chem_comp.type
_chem_comp.name
_chem_comp.formula
ACE non-polymer 'ACETYL GROUP' 'C2 H4 O'
NH2 non-polymer 'AMINO GROUP' 'H2 N'
SO4 non-polymer 'SULFATE ION' 'O4 S -2'
#
# COMPACT_ATOMS: atom_id res chain seq x y z
N ARG A 3 -21.33 3.45 -13.39
CA ARG A 3 -21.33 4.68 -12.60
C ARG A 3 -19.90 4.95 -12.11
N SER A 4 -18.96 4.87 -13.06
CA SER A 4 -17.56 5.00 -12.76
C SER A 4 -16.78 6.00 -13.58
N VAL A 5 -15.59 6.33 -13.06
CA VAL A 5 -14.63 7.20 -13.70
C VAL A 5 -13.87 6.27 -14.62
N ALA A 6 -14.42 6.09 -15.82
CA ALA A 6 -13.89 5.15 -16.81
C ALA A 6 -14.15 5.62 -18.23
N SER A 7 -13.06 5.68 -19.03
CA SER A 7 -13.14 6.03 -20.45
C SER A 7 -13.10 4.70 -21.23
N SER A 8 -12.73 4.71 -22.53
CA SER A 8 -12.64 3.48 -23.34
C SER A 8 -11.45 2.64 -22.90
N LYS A 9 -10.37 3.29 -22.46
CA LYS A 9 -9.13 2.60 -22.17
C LYS A 9 -8.65 2.61 -20.73
N LEU A 10 -9.31 3.34 -19.82
CA LEU A 10 -8.79 3.41 -18.45
C LEU A 10 -9.90 3.69 -17.45
N TRP A 11 -9.86 2.99 -16.30
CA TRP A 11 -10.85 3.09 -15.23
C TRP A 11 -10.14 3.40 -13.94
N MET A 12 -10.56 4.46 -13.25
CA MET A 12 -9.97 4.77 -11.94
C MET A 12 -10.83 4.07 -10.90
N LEU A 13 -10.31 2.96 -10.36
CA LEU A 13 -11.01 2.11 -9.37
C LEU A 13 -10.96 2.70 -7.96
N GLU A 14 -9.86 3.36 -7.60
N GLU A 14 -9.86 3.37 -7.61
CA GLU A 14 -9.69 3.89 -6.24
CA GLU A 14 -9.63 3.88 -6.27
C GLU A 14 -8.96 5.21 -6.28
C GLU A 14 -8.95 5.23 -6.30
N PHE A 15 -9.28 6.07 -5.32
CA PHE A 15 -8.65 7.36 -5.16
C PHE A 15 -8.88 7.74 -3.68
N SER A 16 -7.85 8.23 -3.04
CA SER A 16 -7.99 8.70 -1.66
C SER A 16 -6.88 9.70 -1.35
N ALA A 17 -7.18 10.64 -0.50
CA ALA A 17 -6.20 11.58 0.03
C ALA A 17 -6.40 11.51 1.53
N PHE A 18 -5.29 11.44 2.25
CA PHE A 18 -5.36 11.13 3.66
C PHE A 18 -4.25 11.76 4.48
N LEU A 19 -4.41 11.70 5.80
CA LEU A 19 -3.38 12.09 6.79
C LEU A 19 -3.12 10.84 7.62
N GLU A 20 -1.86 10.38 7.65
CA GLU A 20 -1.45 9.25 8.48
C GLU A 20 -0.57 9.76 9.60
N GLN A 21 -0.92 9.42 10.85
CA GLN A 21 -0.15 9.80 12.03
C GLN A 21 0.49 8.56 12.64
N GLN A 22 1.81 8.62 12.84
CA GLN A 22 2.55 7.51 13.46
C GLN A 22 2.66 7.80 14.94
N GLN A 23 1.92 7.05 15.78
CA GLN A 23 1.92 7.20 17.24
C GLN A 23 3.23 6.65 17.81
N ASP A 24 3.66 5.47 17.29
CA ASP A 24 4.91 4.79 17.63
C ASP A 24 5.29 3.92 16.42
N PRO A 25 6.50 3.29 16.34
CA PRO A 25 6.80 2.52 15.13
C PRO A 25 5.82 1.42 14.78
N ASP A 26 4.98 0.95 15.73
CA ASP A 26 3.98 -0.10 15.41
C ASP A 26 2.55 0.38 15.37
N THR A 27 2.30 1.70 15.52
CA THR A 27 0.94 2.20 15.61
C THR A 27 0.74 3.38 14.69
N TYR A 28 -0.25 3.27 13.80
CA TYR A 28 -0.59 4.28 12.81
C TYR A 28 -2.09 4.55 12.85
N ASN A 29 -2.45 5.81 12.68
CA ASN A 29 -3.87 6.24 12.59
C ASN A 29 -3.99 6.92 11.24
N LYS A 30 -4.98 6.55 10.43
CA LYS A 30 -5.13 7.15 9.11
C LYS A 30 -6.52 7.76 9.02
N HIS A 31 -6.57 9.02 8.58
CA HIS A 31 -7.83 9.76 8.37
C HIS A 31 -7.98 10.01 6.88
N LEU A 32 -9.09 9.58 6.27
CA LEU A 32 -9.32 9.84 4.84
C LEU A 32 -10.08 11.17 4.74
N PHE A 33 -9.55 12.11 3.96
CA PHE A 33 -10.24 13.36 3.64
C PHE A 33 -11.33 13.12 2.60
N VAL A 34 -10.99 12.35 1.55
CA VAL A 34 -11.87 12.07 0.41
C VAL A 34 -11.54 10.66 -0.06
N HIS A 35 -12.48 9.99 -0.68
CA HIS A 35 -12.22 8.65 -1.19
C HIS A 35 -13.27 8.20 -2.21
N ILE A 36 -12.79 7.40 -3.17
CA ILE A 36 -13.64 6.73 -4.16
C ILE A 36 -13.15 5.26 -4.15
N GLY A 37 -14.06 4.32 -4.23
CA GLY A 37 -13.70 2.90 -4.37
C GLY A 37 -13.45 2.08 -3.13
N GLN A 38 -13.78 2.64 -1.96
CA GLN A 38 -13.60 1.96 -0.68
C GLN A 38 -14.64 0.84 -0.54
N SER A 39 -15.86 1.09 -1.05
CA SER A 39 -16.98 0.14 -1.03
C SER A 39 -17.90 0.36 -2.23
N TYR A 47 -26.98 5.48 -14.89
CA TYR A 47 -26.08 6.32 -15.69
C TYR A 47 -25.60 7.54 -14.91
N LEU A 48 -24.40 8.03 -15.21
CA LEU A 48 -23.87 9.20 -14.50
C LEU A 48 -24.54 10.45 -15.03
N GLU A 49 -24.90 11.34 -14.12
CA GLU A 49 -25.48 12.62 -14.54
C GLU A 49 -24.40 13.42 -15.28
N ALA A 50 -24.83 14.26 -16.20
CA ALA A 50 -23.89 15.11 -16.94
C ALA A 50 -23.80 16.48 -16.29
N VAL A 51 -22.63 17.13 -16.41
CA VAL A 51 -22.39 18.53 -16.03
C VAL A 51 -21.87 19.25 -17.28
N ASP A 52 -22.47 20.41 -17.59
CA ASP A 52 -22.07 21.21 -18.73
C ASP A 52 -20.72 21.84 -18.39
N ILE A 53 -19.73 21.55 -19.23
CA ILE A 53 -18.34 22.00 -19.01
C ILE A 53 -18.19 23.52 -18.99
N ARG A 54 -19.08 24.24 -19.68
CA ARG A 54 -19.06 25.69 -19.76
C ARG A 54 -19.37 26.29 -18.39
N GLN A 55 -20.03 25.52 -17.54
CA GLN A 55 -20.37 25.94 -16.19
C GLN A 55 -19.20 25.90 -15.18
N ILE A 56 -18.12 25.19 -15.52
CA ILE A 56 -16.95 25.04 -14.62
C ILE A 56 -15.64 25.50 -15.23
N TYR A 57 -15.62 25.87 -16.54
CA TYR A 57 -14.37 26.26 -17.24
C TYR A 57 -13.49 27.25 -16.42
N ASP A 58 -14.06 28.31 -15.85
CA ASP A 58 -13.35 29.37 -15.08
C ASP A 58 -12.80 28.92 -13.70
N LYS A 59 -13.03 27.67 -13.30
CA LYS A 59 -12.55 27.15 -12.03
C LYS A 59 -11.32 26.30 -12.28
N PHE A 60 -10.92 26.19 -13.55
CA PHE A 60 -9.78 25.37 -13.96
C PHE A 60 -8.89 26.18 -14.90
N PRO A 61 -7.61 25.79 -15.13
CA PRO A 61 -6.75 26.57 -16.06
C PRO A 61 -7.32 26.57 -17.47
N GLU A 62 -7.40 27.76 -18.11
CA GLU A 62 -7.95 27.97 -19.45
C GLU A 62 -7.03 28.82 -20.31
N LYS A 63 -6.42 28.16 -21.30
CA LYS A 63 -5.40 28.63 -22.25
C LYS A 63 -5.00 27.33 -22.99
N LYS A 64 -3.91 27.34 -23.80
CA LYS A 64 -3.42 26.15 -24.51
C LYS A 64 -3.12 25.06 -23.46
N GLY A 65 -3.69 23.87 -23.64
CA GLY A 65 -3.52 22.76 -22.69
C GLY A 65 -4.44 22.81 -21.49
N GLY A 66 -5.30 23.82 -21.44
CA GLY A 66 -6.28 24.00 -20.38
C GLY A 66 -7.41 22.99 -20.49
N LEU A 67 -8.34 23.01 -19.51
CA LEU A 67 -9.45 22.07 -19.50
C LEU A 67 -10.29 22.14 -20.79
N LYS A 68 -10.70 23.36 -21.20
CA LYS A 68 -11.50 23.52 -22.41
C LYS A 68 -10.75 22.98 -23.61
N ASP A 69 -9.47 23.34 -23.73
CA ASP A 69 -8.59 22.89 -24.80
C ASP A 69 -8.45 21.36 -24.84
N LEU A 70 -8.24 20.73 -23.67
CA LEU A 70 -8.17 19.27 -23.62
C LEU A 70 -9.51 18.64 -23.97
N PHE A 71 -10.61 19.19 -23.44
CA PHE A 71 -11.96 18.69 -23.71
C PHE A 71 -12.25 18.71 -25.20
N GLU A 72 -11.89 19.81 -25.90
CA GLU A 72 -12.08 19.92 -27.34
C GLU A 72 -11.28 18.87 -28.12
N ARG A 73 -10.08 18.49 -27.64
N ARG A 73 -10.08 18.51 -27.64
CA ARG A 73 -9.22 17.49 -28.27
CA ARG A 73 -9.24 17.49 -28.29
C ARG A 73 -9.83 16.10 -28.06
C ARG A 73 -9.92 16.13 -28.10
N GLY A 74 -10.56 15.96 -26.96
CA GLY A 74 -11.25 14.73 -26.59
C GLY A 74 -10.33 13.55 -26.28
N PRO A 75 -10.87 12.32 -26.30
CA PRO A 75 -12.29 11.99 -26.53
C PRO A 75 -13.16 12.47 -25.37
N SER A 76 -14.37 12.92 -25.69
CA SER A 76 -15.28 13.45 -24.68
C SER A 76 -15.70 12.44 -23.56
N ASN A 77 -15.69 11.10 -23.85
CA ASN A 77 -16.02 10.06 -22.85
C ASN A 77 -14.89 9.87 -21.81
N ALA A 78 -13.82 10.68 -21.88
CA ALA A 78 -12.70 10.56 -20.93
C ALA A 78 -12.77 11.62 -19.83
N PHE A 79 -13.76 12.55 -19.90
CA PHE A 79 -13.83 13.71 -19.01
C PHE A 79 -14.90 13.59 -17.96
N PHE A 80 -14.47 13.73 -16.69
CA PHE A 80 -15.33 13.59 -15.52
C PHE A 80 -15.16 14.76 -14.57
N LEU A 81 -16.25 15.07 -13.87
CA LEU A 81 -16.20 16.07 -12.78
C LEU A 81 -16.61 15.37 -11.48
N VAL A 82 -15.73 15.39 -10.48
CA VAL A 82 -16.05 14.78 -9.21
C VAL A 82 -16.28 15.90 -8.22
N LYS A 83 -17.43 15.89 -7.56
CA LYS A 83 -17.61 16.85 -6.47
C LYS A 83 -17.37 16.07 -5.18
N PHE A 84 -16.37 16.48 -4.39
CA PHE A 84 -16.12 15.83 -3.09
C PHE A 84 -16.71 16.65 -1.96
N TRP A 85 -17.36 15.99 -1.00
CA TRP A 85 -17.70 16.58 0.29
C TRP A 85 -16.61 15.98 1.20
N ALA A 86 -15.59 16.81 1.51
CA ALA A 86 -14.41 16.40 2.28
C ALA A 86 -14.64 16.32 3.78
N ASP A 87 -14.08 15.27 4.40
CA ASP A 87 -14.17 15.09 5.84
C ASP A 87 -12.92 15.77 6.43
N LEU A 88 -13.10 16.94 7.01
CA LEU A 88 -11.99 17.72 7.57
C LEU A 88 -11.86 17.51 9.09
N ASN A 89 -12.61 16.55 9.62
CA ASN A 89 -12.67 16.29 11.06
C ASN A 89 -11.59 15.31 11.51
N THR A 90 -10.39 15.84 11.77
CA THR A 90 -9.26 15.05 12.25
C THR A 90 -8.58 15.75 13.44
N ASN A 91 -7.90 14.96 14.30
CA ASN A 91 -7.19 15.44 15.48
C ASN A 91 -5.69 15.16 15.36
N SER A 97 5.63 13.28 12.73
CA SER A 97 4.89 12.03 12.83
C SER A 97 3.65 12.02 11.90
N SER A 98 3.39 13.13 11.17
CA SER A 98 2.29 13.26 10.21
C SER A 98 2.80 13.02 8.79
N PHE A 99 2.00 12.36 7.98
CA PHE A 99 2.32 12.13 6.59
C PHE A 99 1.02 12.35 5.83
N TYR A 100 0.98 13.32 4.91
CA TYR A 100 -0.16 13.61 4.06
C TYR A 100 0.12 12.94 2.73
N GLY A 101 -0.79 12.08 2.32
CA GLY A 101 -0.59 11.34 1.08
C GLY A 101 -1.81 11.15 0.20
N VAL A 102 -1.57 10.68 -1.03
N VAL A 102 -1.57 10.69 -1.03
CA VAL A 102 -2.62 10.37 -2.03
CA VAL A 102 -2.62 10.41 -2.01
C VAL A 102 -2.34 8.97 -2.54
C VAL A 102 -2.35 9.03 -2.63
N SER A 103 -3.40 8.24 -2.84
CA SER A 103 -3.30 6.92 -3.45
C SER A 103 -4.35 6.84 -4.55
N SER A 104 -4.04 6.10 -5.60
CA SER A 104 -4.97 5.91 -6.69
C SER A 104 -4.62 4.64 -7.41
N GLN A 105 -5.63 4.03 -8.02
CA GLN A 105 -5.47 2.78 -8.76
C GLN A 105 -6.28 2.88 -10.03
N TYR A 106 -5.72 2.36 -11.12
CA TYR A 106 -6.38 2.35 -12.43
C TYR A 106 -6.26 1.00 -13.04
N GLU A 107 -7.20 0.66 -13.90
CA GLU A 107 -7.10 -0.59 -14.66
C GLU A 107 -7.40 -0.29 -16.11
N SER A 108 -6.77 -1.07 -16.98
CA SER A 108 -6.98 -0.98 -18.42
C SER A 108 -6.91 -2.37 -19.06
N PRO A 109 -7.61 -2.59 -20.21
CA PRO A 109 -7.37 -3.84 -20.95
C PRO A 109 -5.98 -3.79 -21.61
N GLU A 110 -5.34 -2.59 -21.69
CA GLU A 110 -4.04 -2.45 -22.37
C GLU A 110 -2.86 -2.16 -21.47
N ASN A 111 -1.68 -2.57 -21.96
CA ASN A 111 -0.38 -2.39 -21.34
C ASN A 111 0.24 -1.08 -21.92
N MET A 112 0.11 0.01 -21.21
CA MET A 112 0.58 1.30 -21.67
C MET A 112 1.55 1.92 -20.68
N ILE A 113 2.32 2.91 -21.16
CA ILE A 113 3.14 3.75 -20.29
C ILE A 113 2.27 4.99 -20.12
N ILE A 114 1.89 5.30 -18.88
CA ILE A 114 0.97 6.43 -18.68
C ILE A 114 1.62 7.55 -17.87
N THR A 115 1.12 8.77 -18.02
N THR A 115 1.17 8.77 -18.13
CA THR A 115 1.63 9.89 -17.20
CA THR A 115 1.57 10.02 -17.47
C THR A 115 0.43 10.55 -16.57
C THR A 115 0.36 10.44 -16.64
N CYS A 116 0.42 10.62 -15.24
N CYS A 116 0.60 10.81 -15.39
CA CYS A 116 -0.64 11.33 -14.54
CA CYS A 116 -0.42 11.27 -14.45
C CYS A 116 -0.08 12.67 -14.10
C CYS A 116 -0.07 12.70 -13.99
N SER A 117 -0.74 13.73 -14.55
CA SER A 117 -0.46 15.11 -14.20
C SER A 117 -1.57 15.59 -13.26
N THR A 118 -1.19 16.22 -12.15
CA THR A 118 -2.13 16.78 -11.21
C THR A 118 -1.83 18.23 -11.09
N LYS A 119 -2.83 19.08 -11.37
CA LYS A 119 -2.73 20.52 -11.28
C LYS A 119 -3.58 21.01 -10.15
N VAL A 120 -2.95 21.68 -9.19
CA VAL A 120 -3.67 22.29 -8.06
C VAL A 120 -3.94 23.72 -8.52
N CYS A 121 -5.18 24.17 -8.37
CA CYS A 121 -5.58 25.50 -8.83
C CYS A 121 -6.20 26.36 -7.74
N SER A 122 -6.01 27.68 -7.87
CA SER A 122 -6.56 28.65 -6.94
C SER A 122 -7.19 29.71 -7.81
N PHE A 123 -8.52 29.89 -7.70
CA PHE A 123 -9.29 30.84 -8.54
C PHE A 123 -9.08 30.52 -10.02
N GLY A 124 -9.04 29.21 -10.31
CA GLY A 124 -8.89 28.66 -11.64
C GLY A 124 -7.53 28.81 -12.29
N LYS A 125 -6.52 29.27 -11.51
CA LYS A 125 -5.17 29.42 -12.04
C LYS A 125 -4.30 28.34 -11.43
N GLN A 126 -3.48 27.70 -12.26
CA GLN A 126 -2.57 26.66 -11.81
C GLN A 126 -1.54 27.23 -10.85
N VAL A 127 -1.39 26.61 -9.68
CA VAL A 127 -0.37 27.05 -8.72
C VAL A 127 0.69 25.95 -8.54
N VAL A 128 0.33 24.69 -8.86
CA VAL A 128 1.25 23.56 -8.73
C VAL A 128 0.94 22.57 -9.87
N GLU A 129 1.98 21.93 -10.40
CA GLU A 129 1.82 20.82 -11.33
C GLU A 129 2.76 19.71 -10.91
C MYK A 130 2.71 16.28 -11.37
N MYK A 130 2.20 18.53 -10.68
O MYK A 130 1.58 16.12 -11.82
CA MYK A 130 2.92 17.34 -10.29
CB MYK A 130 2.52 16.81 -8.90
CD MYK A 130 2.23 17.70 -6.53
CE MYK A 130 2.52 16.30 -5.93
CG MYK A 130 3.02 17.85 -7.86
CI MYK A 130 -2.75 16.49 -5.17
CK MYK A 130 -3.72 15.90 -4.12
CL MYK A 130 -5.04 15.41 -4.77
CM MYK A 130 -6.04 15.01 -3.66
CP MYK A 130 -6.47 16.23 -2.81
CQ MYK A 130 -8.69 17.37 -0.14
CR MYK A 130 -7.77 15.96 -2.04
CS MYK A 130 -8.65 17.65 1.39
CT MYK A 130 -2.16 15.31 -5.97
CU MYK A 130 -7.58 16.36 -0.56
CV MYK A 130 -10.12 19.73 0.96
CW MYK A 130 -8.88 19.15 1.70
CX MYK A 130 0.24 15.75 -5.21
OX MYK A 130 0.11 16.75 -4.52
CY MYK A 130 -0.88 14.74 -5.29
NZ MYK A 130 1.35 15.43 -5.94
N VAL A 131 3.80 15.66 -11.85
CA VAL A 131 3.69 14.67 -12.92
C VAL A 131 4.35 13.38 -12.46
N GLU A 132 3.70 12.25 -12.73
CA GLU A 132 4.23 10.93 -12.39
C GLU A 132 4.08 9.99 -13.59
N THR A 133 5.10 9.18 -13.88
CA THR A 133 5.02 8.22 -14.95
C THR A 133 4.66 6.91 -14.27
N GLU A 134 3.63 6.22 -14.78
CA GLU A 134 3.23 4.95 -14.19
C GLU A 134 3.32 3.81 -15.20
N TYR A 135 3.75 2.68 -14.72
CA TYR A 135 3.91 1.48 -15.53
C TYR A 135 2.88 0.41 -15.12
N ALA A 136 2.51 -0.46 -16.05
CA ALA A 136 1.50 -1.49 -15.84
C ALA A 136 2.01 -2.73 -15.12
N ARG A 137 1.12 -3.39 -14.39
CA ARG A 137 1.37 -4.73 -13.86
C ARG A 137 0.22 -5.60 -14.40
N TYR A 138 0.53 -6.74 -14.98
CA TYR A 138 -0.48 -7.69 -15.44
C TYR A 138 -1.25 -8.18 -14.21
N GLU A 139 -2.57 -8.27 -14.34
CA GLU A 139 -3.50 -8.67 -13.28
C GLU A 139 -4.76 -9.24 -13.88
N ASN A 140 -5.02 -10.54 -13.65
CA ASN A 140 -6.25 -11.24 -14.06
C ASN A 140 -6.74 -10.93 -15.48
N GLY A 141 -5.85 -10.98 -16.45
CA GLY A 141 -6.20 -10.69 -17.85
C GLY A 141 -6.12 -9.22 -18.26
N HIS A 142 -6.09 -8.29 -17.27
CA HIS A 142 -5.99 -6.86 -17.53
C HIS A 142 -4.69 -6.22 -16.95
N TYR A 143 -4.58 -4.89 -17.02
CA TYR A 143 -3.40 -4.18 -16.53
C TYR A 143 -3.78 -3.22 -15.45
N SER A 144 -2.98 -3.22 -14.37
N SER A 144 -3.00 -3.23 -14.35
CA SER A 144 -3.17 -2.38 -13.21
CA SER A 144 -3.21 -2.36 -13.20
C SER A 144 -2.08 -1.32 -13.10
C SER A 144 -2.10 -1.34 -13.08
N TYR A 145 -2.45 -0.13 -12.62
CA TYR A 145 -1.55 1.03 -12.44
C TYR A 145 -1.88 1.52 -11.04
N ARG A 146 -0.86 1.92 -10.29
CA ARG A 146 -1.10 2.35 -8.94
C ARG A 146 -0.14 3.41 -8.51
N ILE A 147 -0.67 4.41 -7.81
CA ILE A 147 0.09 5.47 -7.16
C ILE A 147 -0.15 5.15 -5.70
N HIS A 148 0.90 4.73 -4.98
CA HIS A 148 0.72 4.34 -3.58
C HIS A 148 1.40 5.30 -2.67
N ARG A 149 0.61 5.94 -1.81
CA ARG A 149 1.08 6.88 -0.80
C ARG A 149 2.02 7.94 -1.38
N SER A 150 1.60 8.62 -2.45
CA SER A 150 2.45 9.67 -3.02
C SER A 150 2.30 10.88 -2.05
N PRO A 151 3.39 11.55 -1.66
CA PRO A 151 3.24 12.70 -0.73
C PRO A 151 2.43 13.86 -1.34
N LEU A 152 1.51 14.43 -0.56
CA LEU A 152 0.76 15.62 -0.95
C LEU A 152 1.81 16.76 -0.97
N CYS A 153 1.75 17.68 -1.95
CA CYS A 153 2.71 18.78 -2.02
C CYS A 153 2.50 19.74 -0.85
N GLU A 154 3.53 20.52 -0.54
CA GLU A 154 3.53 21.47 0.57
C GLU A 154 2.41 22.48 0.45
N TYR A 155 2.07 22.88 -0.79
CA TYR A 155 1.00 23.84 -1.02
C TYR A 155 -0.29 23.27 -0.45
N MET A 156 -0.56 22.01 -0.76
CA MET A 156 -1.75 21.28 -0.33
C MET A 156 -1.82 21.14 1.18
N ILE A 157 -0.71 20.74 1.80
CA ILE A 157 -0.59 20.61 3.25
C ILE A 157 -0.90 21.97 3.91
N ASN A 158 -0.29 23.07 3.40
CA ASN A 158 -0.56 24.42 3.93
C ASN A 158 -2.04 24.81 3.79
N PHE A 159 -2.64 24.44 2.66
CA PHE A 159 -4.04 24.73 2.36
C PHE A 159 -4.97 24.05 3.38
N ILE A 160 -4.73 22.76 3.66
CA ILE A 160 -5.51 22.01 4.66
C ILE A 160 -5.42 22.68 6.06
N HIS A 161 -4.21 23.08 6.44
CA HIS A 161 -3.96 23.76 7.72
C HIS A 161 -4.74 25.07 7.83
N LYS A 162 -4.75 25.86 6.74
CA LYS A 162 -5.44 27.14 6.64
C LYS A 162 -6.96 26.99 6.84
N LEU A 163 -7.60 25.95 6.23
CA LEU A 163 -9.04 25.72 6.34
C LEU A 163 -9.49 25.47 7.77
N LYS A 164 -8.69 24.73 8.55
CA LYS A 164 -8.94 24.38 9.95
C LYS A 164 -8.89 25.63 10.87
N HIS A 165 -8.06 26.62 10.52
CA HIS A 165 -7.88 27.82 11.33
C HIS A 165 -8.78 28.99 10.88
N LEU A 166 -9.78 28.67 10.02
CA LEU A 166 -10.81 29.62 9.60
C LEU A 166 -11.87 29.68 10.73
N PRO A 167 -12.37 30.88 11.13
CA PRO A 167 -13.37 30.94 12.22
C PRO A 167 -14.62 30.07 12.05
N GLU A 168 -15.19 30.00 10.82
CA GLU A 168 -16.41 29.21 10.55
C GLU A 168 -16.34 28.30 9.33
N LYS A 169 -17.24 27.29 9.27
CA LYS A 169 -17.35 26.35 8.16
C LYS A 169 -18.08 26.98 6.98
N TYR A 170 -18.78 28.11 7.22
CA TYR A 170 -19.48 28.90 6.19
C TYR A 170 -18.38 29.52 5.32
N MET A 171 -17.28 29.96 5.98
CA MET A 171 -16.08 30.52 5.34
C MET A 171 -15.34 29.39 4.60
N MET A 172 -15.29 28.17 5.20
CA MET A 172 -14.61 27.00 4.59
C MET A 172 -15.16 26.71 3.18
N ASN A 173 -16.49 26.62 3.03
CA ASN A 173 -17.14 26.40 1.75
C ASN A 173 -16.86 27.51 0.74
N SER A 174 -16.87 28.79 1.18
CA SER A 174 -16.54 29.89 0.28
C SER A 174 -15.07 29.81 -0.20
N VAL A 175 -14.14 29.47 0.72
CA VAL A 175 -12.70 29.29 0.42
C VAL A 175 -12.53 28.07 -0.54
N LEU A 176 -13.20 26.96 -0.22
CA LEU A 176 -13.17 25.73 -1.04
C LEU A 176 -13.73 25.90 -2.44
N GLU A 177 -14.63 26.88 -2.62
CA GLU A 177 -15.19 27.16 -3.95
C GLU A 177 -14.15 27.58 -4.97
N ASN A 178 -13.02 28.14 -4.52
CA ASN A 178 -11.95 28.61 -5.38
C ASN A 178 -10.71 27.70 -5.33
N PHE A 179 -10.85 26.50 -4.73
CA PHE A 179 -9.80 25.49 -4.66
C PHE A 179 -10.24 24.31 -5.53
N THR A 180 -9.46 24.00 -6.56
CA THR A 180 -9.83 22.86 -7.40
C THR A 180 -8.60 22.08 -7.79
N ILE A 181 -8.81 20.85 -8.26
CA ILE A 181 -7.72 19.99 -8.74
C ILE A 181 -8.13 19.47 -10.10
N LEU A 182 -7.17 19.43 -11.03
CA LEU A 182 -7.38 18.84 -12.35
C LEU A 182 -6.38 17.73 -12.56
N GLN A 183 -6.86 16.51 -12.80
N GLN A 183 -6.86 16.53 -12.83
CA GLN A 183 -6.01 15.34 -13.03
CA GLN A 183 -5.97 15.42 -13.12
C GLN A 183 -6.15 14.89 -14.49
C GLN A 183 -6.14 15.02 -14.56
N VAL A 184 -5.01 14.82 -15.22
CA VAL A 184 -4.95 14.43 -16.63
C VAL A 184 -4.04 13.20 -16.74
N VAL A 185 -4.62 12.11 -17.26
CA VAL A 185 -3.91 10.85 -17.43
C VAL A 185 -3.77 10.64 -18.91
N THR A 186 -2.54 10.53 -19.37
CA THR A 186 -2.22 10.45 -20.78
C THR A 186 -1.43 9.20 -21.12
N ASN A 187 -1.62 8.66 -22.34
CA ASN A 187 -0.81 7.55 -22.84
C ASN A 187 0.45 8.28 -23.27
N ARG A 188 1.61 8.00 -22.63
CA ARG A 188 2.87 8.70 -22.94
C ARG A 188 3.34 8.53 -24.40
N ASP A 189 3.07 7.37 -25.03
CA ASP A 189 3.52 7.09 -26.39
C ASP A 189 2.58 7.60 -27.50
N THR A 190 1.27 7.75 -27.23
CA THR A 190 0.33 8.23 -28.26
C THR A 190 -0.18 9.65 -27.97
N GLN A 191 0.07 10.14 -26.74
CA GLN A 191 -0.39 11.45 -26.22
C GLN A 191 -1.94 11.52 -26.10
N GLU A 192 -2.64 10.38 -26.21
CA GLU A 192 -4.07 10.26 -26.04
C GLU A 192 -4.46 10.57 -24.57
N THR A 193 -5.53 11.34 -24.38
CA THR A 193 -6.09 11.61 -23.06
C THR A 193 -6.88 10.37 -22.67
N LEU A 194 -6.38 9.68 -21.66
CA LEU A 194 -7.01 8.46 -21.15
C LEU A 194 -8.08 8.81 -20.15
N LEU A 195 -7.85 9.79 -19.28
CA LEU A 195 -8.85 10.25 -18.33
C LEU A 195 -8.52 11.66 -17.98
N CYS A 196 -9.55 12.43 -17.73
CA CYS A 196 -9.38 13.78 -17.22
C CYS A 196 -10.44 14.00 -16.15
N ILE A 197 -10.02 14.22 -14.93
CA ILE A 197 -10.96 14.38 -13.81
C ILE A 197 -10.76 15.76 -13.19
N ALA A 198 -11.82 16.52 -13.18
CA ALA A 198 -11.83 17.85 -12.59
C ALA A 198 -12.51 17.66 -11.21
N TYR A 199 -11.86 18.15 -10.16
CA TYR A 199 -12.35 17.96 -8.77
C TYR A 199 -12.73 19.29 -8.17
N VAL A 200 -13.92 19.33 -7.57
CA VAL A 200 -14.48 20.46 -6.84
C VAL A 200 -14.84 19.99 -5.44
N PHE A 201 -14.87 20.91 -4.49
CA PHE A 201 -14.98 20.59 -3.09
C PHE A 201 -15.95 21.40 -2.28
N GLU A 202 -16.46 20.77 -1.22
CA GLU A 202 -17.31 21.36 -0.20
C GLU A 202 -16.94 20.59 1.06
N VAL A 203 -17.28 21.14 2.23
CA VAL A 203 -17.02 20.49 3.51
C VAL A 203 -18.15 19.50 3.69
N SER A 204 -17.85 18.30 4.12
CA SER A 204 -18.89 17.31 4.39
C SER A 204 -19.67 17.63 5.68
N ALA A 205 -20.97 17.31 5.69
CA ALA A 205 -21.82 17.42 6.89
C ALA A 205 -22.39 16.01 7.19
N SER A 206 -21.91 14.97 6.46
CA SER A 206 -22.40 13.60 6.65
C SER A 206 -21.96 12.99 7.97
N GLU A 207 -22.86 12.21 8.58
CA GLU A 207 -22.50 11.48 9.80
C GLU A 207 -21.76 10.17 9.41
N HIS A 208 -21.69 9.87 8.08
CA HIS A 208 -21.07 8.65 7.50
C HIS A 208 -19.74 8.93 6.78
N GLY A 209 -19.12 10.06 7.07
CA GLY A 209 -17.84 10.45 6.50
C GLY A 209 -17.93 11.13 5.14
N ALA A 210 -16.76 11.28 4.48
CA ALA A 210 -16.65 11.95 3.18
C ALA A 210 -17.57 11.33 2.12
N GLN A 211 -18.06 12.18 1.23
CA GLN A 211 -18.97 11.77 0.15
C GLN A 211 -18.55 12.33 -1.19
N HIS A 212 -19.16 11.82 -2.28
CA HIS A 212 -18.86 12.32 -3.61
C HIS A 212 -20.01 12.11 -4.56
N HIS A 213 -20.02 12.92 -5.63
CA HIS A 213 -20.91 12.76 -6.77
C HIS A 213 -19.95 12.78 -7.95
N ILE A 214 -20.08 11.79 -8.83
CA ILE A 214 -19.30 11.70 -10.06
C ILE A 214 -20.23 12.07 -11.22
N TYR A 215 -19.76 13.01 -12.07
CA TYR A 215 -20.52 13.44 -13.26
C TYR A 215 -19.69 13.27 -14.52
N ARG A 216 -20.37 13.12 -15.65
CA ARG A 216 -19.71 13.15 -16.93
C ARG A 216 -19.67 14.63 -17.35
N LEU A 217 -18.56 15.09 -17.93
CA LEU A 217 -18.50 16.45 -18.42
C LEU A 217 -18.95 16.44 -19.88
N VAL A 218 -19.83 17.36 -20.24
CA VAL A 218 -20.37 17.48 -21.62
C VAL A 218 -20.25 18.91 -22.14
N LYS A 219 -20.27 19.11 -23.47
CA LYS A 219 -20.17 20.48 -24.01
C LYS A 219 -21.52 21.13 -24.19
N ARG B 3 23.27 -7.06 3.24
CA ARG B 3 22.72 -6.08 4.17
C ARG B 3 21.37 -6.46 4.73
N SER B 4 20.51 -6.99 3.86
CA SER B 4 19.14 -7.30 4.14
C SER B 4 18.74 -8.60 3.43
N VAL B 5 17.44 -8.78 3.21
CA VAL B 5 16.97 -10.01 2.61
C VAL B 5 17.01 -9.84 1.09
N ALA B 6 18.14 -10.25 0.50
CA ALA B 6 18.33 -10.16 -0.94
C ALA B 6 19.24 -11.26 -1.40
N SER B 7 18.83 -11.91 -2.48
CA SER B 7 19.63 -12.90 -3.17
C SER B 7 20.26 -12.17 -4.36
N SER B 8 20.83 -12.90 -5.35
CA SER B 8 21.33 -12.26 -6.57
C SER B 8 20.19 -11.78 -7.46
N LYS B 9 18.97 -12.38 -7.31
CA LYS B 9 17.88 -12.10 -8.22
C LYS B 9 16.66 -11.46 -7.61
N LEU B 10 16.56 -11.39 -6.27
CA LEU B 10 15.35 -10.82 -5.68
C LEU B 10 15.65 -10.21 -4.31
N TRP B 11 15.14 -9.00 -4.08
CA TRP B 11 15.31 -8.26 -2.81
C TRP B 11 13.94 -8.11 -2.12
N MET B 12 13.81 -8.46 -0.83
CA MET B 12 12.55 -8.23 -0.12
C MET B 12 12.75 -6.90 0.55
N LEU B 13 12.05 -5.88 0.06
CA LEU B 13 12.21 -4.51 0.57
C LEU B 13 11.36 -4.22 1.80
N GLU B 14 10.20 -4.86 1.88
CA GLU B 14 9.26 -4.63 2.98
C GLU B 14 8.52 -5.91 3.29
N PHE B 15 8.17 -6.08 4.55
CA PHE B 15 7.36 -7.20 5.03
C PHE B 15 6.68 -6.67 6.25
N SER B 16 5.37 -6.95 6.41
CA SER B 16 4.65 -6.57 7.64
C SER B 16 3.40 -7.39 7.83
N ALA B 17 3.06 -7.66 9.10
CA ALA B 17 1.84 -8.39 9.47
C ALA B 17 1.16 -7.45 10.43
N PHE B 18 -0.14 -7.28 10.28
CA PHE B 18 -0.82 -6.24 11.01
C PHE B 18 -2.26 -6.51 11.30
N LEU B 19 -2.81 -5.73 12.22
CA LEU B 19 -4.24 -5.73 12.51
C LEU B 19 -4.69 -4.26 12.28
N GLU B 20 -5.67 -4.08 11.40
CA GLU B 20 -6.26 -2.78 11.06
C GLU B 20 -7.68 -2.76 11.52
N GLN B 21 -8.05 -1.70 12.26
CA GLN B 21 -9.39 -1.57 12.79
C GLN B 21 -10.00 -0.33 12.18
N GLN B 22 -11.21 -0.50 11.61
CA GLN B 22 -11.98 0.54 10.96
C GLN B 22 -12.94 1.10 12.00
N GLN B 23 -12.62 2.28 12.53
CA GLN B 23 -13.41 2.99 13.53
C GLN B 23 -14.69 3.54 12.84
N ASP B 24 -14.53 4.17 11.66
CA ASP B 24 -15.63 4.71 10.81
C ASP B 24 -15.21 4.70 9.32
N PRO B 25 -16.03 5.10 8.29
CA PRO B 25 -15.51 5.03 6.91
C PRO B 25 -14.27 5.86 6.66
N ASP B 26 -13.96 6.87 7.54
CA ASP B 26 -12.73 7.63 7.28
C ASP B 26 -11.61 7.47 8.25
N THR B 27 -11.74 6.61 9.27
CA THR B 27 -10.68 6.50 10.28
C THR B 27 -10.23 5.06 10.48
N TYR B 28 -8.93 4.82 10.37
CA TYR B 28 -8.37 3.47 10.51
C TYR B 28 -7.21 3.51 11.51
N ASN B 29 -7.07 2.46 12.33
CA ASN B 29 -5.95 2.32 13.25
C ASN B 29 -5.25 1.05 12.80
N LYS B 30 -3.94 1.10 12.68
CA LYS B 30 -3.19 -0.07 12.23
C LYS B 30 -2.11 -0.37 13.25
N HIS B 31 -2.05 -1.64 13.68
CA HIS B 31 -1.05 -2.11 14.62
C HIS B 31 -0.18 -3.10 13.88
N LEU B 32 1.13 -2.88 13.90
CA LEU B 32 2.09 -3.79 13.30
C LEU B 32 2.55 -4.82 14.31
N PHE B 33 2.38 -6.11 14.02
CA PHE B 33 2.88 -7.16 14.92
C PHE B 33 4.39 -7.33 14.69
N VAL B 34 4.78 -7.34 13.41
CA VAL B 34 6.18 -7.52 12.96
C VAL B 34 6.34 -6.68 11.73
N HIS B 35 7.60 -6.26 11.44
CA HIS B 35 7.86 -5.48 10.23
C HIS B 35 9.34 -5.41 9.87
N ILE B 36 9.62 -5.33 8.56
CA ILE B 36 10.97 -5.14 8.01
C ILE B 36 10.84 -4.05 6.94
N GLY B 37 11.81 -3.14 6.87
CA GLY B 37 11.87 -2.12 5.83
C GLY B 37 11.03 -0.87 6.03
N GLN B 38 10.44 -0.69 7.21
CA GLN B 38 9.60 0.50 7.48
C GLN B 38 10.46 1.79 7.56
N SER B 39 11.67 1.70 8.12
CA SER B 39 12.53 2.85 8.32
C SER B 39 13.46 3.16 7.16
N SER B 40 13.93 4.44 7.09
CA SER B 40 14.90 4.93 6.11
C SER B 40 16.23 4.16 6.28
N PRO B 41 17.17 4.11 5.28
CA PRO B 41 18.41 3.33 5.49
C PRO B 41 19.16 3.73 6.77
N SER B 42 19.58 2.73 7.54
CA SER B 42 20.28 2.88 8.81
C SER B 42 21.79 2.78 8.63
N TYR B 43 22.22 2.22 7.48
CA TYR B 43 23.64 2.00 7.13
C TYR B 43 24.36 1.15 8.17
N SER B 44 23.58 0.28 8.87
CA SER B 44 24.07 -0.67 9.87
C SER B 44 24.97 -1.67 9.15
N ASP B 45 25.84 -2.37 9.89
CA ASP B 45 26.76 -3.37 9.33
C ASP B 45 26.00 -4.28 8.33
N PRO B 46 26.30 -4.21 7.00
CA PRO B 46 25.56 -5.06 6.02
C PRO B 46 26.02 -6.53 5.94
N TYR B 47 27.02 -6.90 6.73
CA TYR B 47 27.55 -8.26 6.69
C TYR B 47 26.80 -9.05 7.75
N LEU B 48 25.85 -9.84 7.30
CA LEU B 48 24.97 -10.59 8.19
C LEU B 48 25.63 -11.73 8.91
N GLU B 49 25.19 -11.97 10.14
CA GLU B 49 25.56 -13.13 10.94
C GLU B 49 24.89 -14.37 10.30
N ALA B 50 25.45 -15.56 10.57
CA ALA B 50 24.90 -16.80 10.05
C ALA B 50 24.23 -17.62 11.15
N VAL B 51 23.24 -18.40 10.75
CA VAL B 51 22.59 -19.41 11.57
C VAL B 51 22.74 -20.72 10.81
N ASP B 52 23.24 -21.76 11.50
CA ASP B 52 23.43 -23.05 10.87
C ASP B 52 22.10 -23.73 10.66
N ILE B 53 21.82 -24.10 9.40
CA ILE B 53 20.52 -24.66 9.05
C ILE B 53 20.26 -25.97 9.84
N ARG B 54 21.31 -26.74 10.20
CA ARG B 54 21.14 -27.96 11.02
C ARG B 54 20.47 -27.71 12.38
N GLN B 55 20.59 -26.50 12.94
CA GLN B 55 19.98 -26.13 14.22
C GLN B 55 18.46 -25.84 14.17
N ILE B 56 17.89 -25.71 12.97
CA ILE B 56 16.48 -25.37 12.86
C ILE B 56 15.66 -26.32 11.97
N TYR B 57 16.29 -27.39 11.43
CA TYR B 57 15.64 -28.41 10.58
C TYR B 57 14.26 -28.85 11.12
N ASP B 58 14.18 -29.23 12.41
CA ASP B 58 12.97 -29.78 13.05
C ASP B 58 11.84 -28.76 13.31
N LYS B 59 12.09 -27.47 13.03
CA LYS B 59 11.09 -26.42 13.21
C LYS B 59 10.39 -26.09 11.89
N PHE B 60 10.81 -26.78 10.83
CA PHE B 60 10.28 -26.55 9.48
C PHE B 60 9.96 -27.89 8.83
N PRO B 61 9.12 -27.91 7.77
CA PRO B 61 8.82 -29.19 7.07
C PRO B 61 10.10 -29.83 6.56
N GLU B 62 10.28 -31.18 6.79
CA GLU B 62 11.51 -31.88 6.42
C GLU B 62 11.31 -33.21 5.69
N LYS B 63 11.06 -33.12 4.39
CA LYS B 63 10.94 -34.26 3.47
C LYS B 63 11.22 -33.68 2.09
N LYS B 64 10.73 -34.32 1.01
CA LYS B 64 10.91 -33.82 -0.35
C LYS B 64 10.27 -32.40 -0.44
N GLY B 65 11.07 -31.41 -0.81
CA GLY B 65 10.60 -30.03 -0.91
C GLY B 65 10.64 -29.26 0.39
N GLY B 66 11.09 -29.90 1.45
CA GLY B 66 11.24 -29.30 2.78
C GLY B 66 12.44 -28.35 2.80
N LEU B 67 12.76 -27.81 3.99
CA LEU B 67 13.82 -26.81 4.11
C LEU B 67 15.20 -27.31 3.72
N LYS B 68 15.65 -28.44 4.28
CA LYS B 68 16.94 -29.05 3.99
C LYS B 68 17.09 -29.28 2.47
N ASP B 69 16.07 -29.85 1.83
CA ASP B 69 16.08 -30.11 0.40
C ASP B 69 16.20 -28.84 -0.47
N LEU B 70 15.35 -27.83 -0.19
CA LEU B 70 15.42 -26.55 -0.89
C LEU B 70 16.83 -25.98 -0.71
N PHE B 71 17.36 -26.03 0.51
CA PHE B 71 18.67 -25.47 0.81
C PHE B 71 19.78 -26.21 0.03
N GLU B 72 19.77 -27.55 0.06
CA GLU B 72 20.78 -28.35 -0.66
C GLU B 72 20.68 -28.09 -2.19
N ARG B 73 19.48 -27.74 -2.69
CA ARG B 73 19.25 -27.42 -4.10
C ARG B 73 19.77 -26.01 -4.46
N GLY B 74 19.83 -25.13 -3.44
CA GLY B 74 20.41 -23.79 -3.56
C GLY B 74 19.62 -22.80 -4.38
N PRO B 75 20.21 -21.62 -4.71
CA PRO B 75 21.57 -21.13 -4.33
C PRO B 75 21.62 -20.74 -2.85
N SER B 76 22.78 -20.94 -2.17
CA SER B 76 22.91 -20.65 -0.72
C SER B 76 22.57 -19.21 -0.35
N ASN B 77 22.93 -18.23 -1.22
CA ASN B 77 22.64 -16.81 -0.98
C ASN B 77 21.13 -16.43 -1.04
N ALA B 78 20.22 -17.40 -1.33
CA ALA B 78 18.77 -17.09 -1.35
C ALA B 78 18.14 -17.41 0.03
N PHE B 79 18.91 -18.01 0.98
CA PHE B 79 18.35 -18.50 2.23
C PHE B 79 18.63 -17.65 3.46
N PHE B 80 17.55 -17.23 4.12
CA PHE B 80 17.67 -16.37 5.31
C PHE B 80 16.83 -16.86 6.44
N LEU B 81 17.21 -16.48 7.67
N LEU B 81 17.20 -16.48 7.66
CA LEU B 81 16.44 -16.79 8.87
CA LEU B 81 16.41 -16.77 8.84
C LEU B 81 16.17 -15.47 9.56
C LEU B 81 16.15 -15.43 9.49
N VAL B 82 14.89 -15.14 9.79
CA VAL B 82 14.59 -13.87 10.45
C VAL B 82 14.03 -14.23 11.83
N LYS B 83 14.57 -13.64 12.89
CA LYS B 83 13.99 -13.83 14.22
C LYS B 83 13.22 -12.56 14.46
N PHE B 84 11.91 -12.70 14.74
CA PHE B 84 11.08 -11.56 15.08
C PHE B 84 10.77 -11.57 16.55
N TRP B 85 10.83 -10.40 17.19
CA TRP B 85 10.30 -10.14 18.52
C TRP B 85 8.98 -9.39 18.22
N ALA B 86 7.85 -10.12 18.28
CA ALA B 86 6.53 -9.56 17.89
C ALA B 86 5.92 -8.68 18.95
N ASP B 87 5.22 -7.65 18.49
CA ASP B 87 4.54 -6.71 19.38
C ASP B 87 3.10 -7.16 19.45
N LEU B 88 2.73 -7.80 20.54
CA LEU B 88 1.38 -8.31 20.73
C LEU B 88 0.47 -7.32 21.49
N ASN B 89 0.98 -6.10 21.78
CA ASN B 89 0.23 -5.08 22.53
C ASN B 89 -0.73 -4.28 21.65
N THR B 90 -1.92 -4.86 21.42
CA THR B 90 -2.95 -4.21 20.64
C THR B 90 -4.18 -3.97 21.52
N ASN B 91 -4.99 -2.95 21.16
CA ASN B 91 -6.20 -2.53 21.88
C ASN B 91 -7.23 -1.96 20.91
N SER B 97 -15.19 -5.06 12.06
CA SER B 97 -14.35 -3.88 11.83
C SER B 97 -12.83 -4.21 11.92
N SER B 98 -12.48 -5.48 12.17
CA SER B 98 -11.07 -5.89 12.25
C SER B 98 -10.62 -6.53 10.94
N PHE B 99 -9.39 -6.21 10.49
CA PHE B 99 -8.77 -6.83 9.32
C PHE B 99 -7.33 -7.23 9.67
N TYR B 100 -7.02 -8.55 9.63
CA TYR B 100 -5.66 -9.08 9.88
C TYR B 100 -5.04 -9.34 8.52
N GLY B 101 -3.91 -8.71 8.25
CA GLY B 101 -3.30 -8.90 6.95
C GLY B 101 -1.79 -8.95 6.99
N VAL B 102 -1.21 -9.33 5.84
CA VAL B 102 0.22 -9.37 5.59
C VAL B 102 0.50 -8.68 4.25
N SER B 103 1.54 -7.85 4.21
CA SER B 103 1.96 -7.16 2.98
C SER B 103 3.48 -7.35 2.82
N SER B 104 3.93 -7.42 1.56
CA SER B 104 5.36 -7.50 1.27
C SER B 104 5.63 -6.91 -0.10
N GLN B 105 6.88 -6.47 -0.30
CA GLN B 105 7.30 -5.77 -1.51
C GLN B 105 8.68 -6.26 -1.89
N TYR B 106 8.91 -6.45 -3.21
CA TYR B 106 10.20 -7.00 -3.66
C TYR B 106 10.66 -6.24 -4.87
N GLU B 107 11.97 -6.32 -5.15
CA GLU B 107 12.61 -5.73 -6.33
C GLU B 107 13.56 -6.75 -6.94
N SER B 108 13.71 -6.68 -8.26
N SER B 108 13.71 -6.68 -8.26
CA SER B 108 14.58 -7.56 -9.00
CA SER B 108 14.61 -7.57 -8.99
C SER B 108 15.12 -6.87 -10.24
C SER B 108 15.14 -6.88 -10.23
N PRO B 109 16.36 -7.21 -10.68
CA PRO B 109 16.87 -6.62 -11.95
C PRO B 109 16.17 -7.25 -13.16
N GLU B 110 15.57 -8.44 -12.98
CA GLU B 110 14.91 -9.22 -14.02
C GLU B 110 13.39 -9.17 -14.00
N ASN B 111 12.79 -9.31 -15.19
CA ASN B 111 11.35 -9.37 -15.31
C ASN B 111 10.98 -10.85 -15.26
N MET B 112 10.28 -11.24 -14.20
CA MET B 112 9.88 -12.64 -13.98
C MET B 112 8.44 -12.77 -13.55
N ILE B 113 7.92 -13.99 -13.66
CA ILE B 113 6.63 -14.33 -13.08
C ILE B 113 7.08 -15.13 -11.87
N ILE B 114 6.70 -14.68 -10.67
CA ILE B 114 7.14 -15.32 -9.42
C ILE B 114 5.97 -15.96 -8.70
N THR B 115 6.27 -16.98 -7.93
CA THR B 115 5.29 -17.64 -7.07
C THR B 115 5.78 -17.44 -5.63
N CYS B 116 4.91 -16.90 -4.76
N CYS B 116 4.90 -16.95 -4.76
CA CYS B 116 5.26 -16.77 -3.35
CA CYS B 116 5.22 -16.69 -3.36
C CYS B 116 4.41 -17.73 -2.56
C CYS B 116 4.42 -17.63 -2.46
N SER B 117 5.09 -18.64 -1.88
CA SER B 117 4.47 -19.65 -1.02
C SER B 117 4.81 -19.28 0.43
N THR B 118 3.79 -19.22 1.27
CA THR B 118 3.96 -18.95 2.69
C THR B 118 3.35 -20.11 3.46
N LYS B 119 4.17 -20.82 4.24
CA LYS B 119 3.71 -21.99 5.01
C LYS B 119 3.83 -21.70 6.50
N VAL B 120 2.74 -21.88 7.24
CA VAL B 120 2.71 -21.72 8.69
C VAL B 120 2.86 -23.13 9.25
N CYS B 121 3.79 -23.33 10.17
CA CYS B 121 4.11 -24.63 10.77
C CYS B 121 3.95 -24.66 12.25
N SER B 122 3.54 -25.87 12.75
CA SER B 122 3.37 -26.25 14.14
C SER B 122 4.32 -27.44 14.43
N PHE B 123 5.39 -27.23 15.25
CA PHE B 123 6.37 -28.28 15.60
C PHE B 123 7.06 -28.83 14.32
N GLY B 124 7.33 -27.93 13.38
CA GLY B 124 7.98 -28.28 12.11
C GLY B 124 7.10 -28.98 11.10
N LYS B 125 5.79 -29.01 11.33
CA LYS B 125 4.85 -29.65 10.44
C LYS B 125 3.99 -28.56 9.81
N GLN B 126 3.89 -28.56 8.46
CA GLN B 126 3.06 -27.54 7.79
C GLN B 126 1.64 -27.74 8.21
N VAL B 127 0.97 -26.65 8.58
CA VAL B 127 -0.43 -26.69 9.00
C VAL B 127 -1.27 -25.80 8.12
N VAL B 128 -0.67 -24.73 7.53
CA VAL B 128 -1.39 -23.76 6.70
C VAL B 128 -0.50 -23.23 5.53
N GLU B 129 -1.11 -22.93 4.36
CA GLU B 129 -0.36 -22.42 3.20
C GLU B 129 -1.13 -21.37 2.42
C MYK B 130 0.02 -19.24 -0.08
N MYK B 130 -0.42 -20.29 2.03
O MYK B 130 1.24 -19.27 0.07
CA MYK B 130 -0.90 -19.24 1.14
CB MYK B 130 -0.93 -17.81 1.77
CD MYK B 130 -2.45 -15.93 2.56
CE MYK B 130 -2.28 -15.36 3.99
CG MYK B 130 -2.25 -17.48 2.52
CI MYK B 130 1.98 -15.26 7.51
CK MYK B 130 1.99 -13.72 7.63
CL MYK B 130 2.80 -13.29 8.88
CM MYK B 130 2.10 -13.87 10.12
CP MYK B 130 2.10 -12.87 11.29
CQ MYK B 130 2.29 -12.31 14.12
CR MYK B 130 3.51 -12.80 11.91
CS MYK B 130 2.29 -12.55 15.65
CT MYK B 130 0.57 -15.86 7.75
CU MYK B 130 3.42 -13.13 13.42
CV MYK B 130 3.39 -14.28 17.12
CW MYK B 130 2.32 -14.05 16.03
CX MYK B 130 -1.15 -16.28 5.95
OX MYK B 130 -2.20 -16.31 6.60
CY MYK B 130 0.15 -16.75 6.57
NZ MYK B 130 -1.08 -15.83 4.67
N VAL B 131 -0.54 -19.31 -1.28
CA VAL B 131 0.30 -19.34 -2.49
C VAL B 131 -0.23 -18.27 -3.43
N GLU B 132 0.64 -17.36 -3.86
CA GLU B 132 0.28 -16.25 -4.73
C GLU B 132 1.20 -16.17 -5.95
N THR B 133 0.65 -15.93 -7.15
CA THR B 133 1.44 -15.70 -8.36
C THR B 133 1.53 -14.18 -8.48
N GLU B 134 2.75 -13.66 -8.71
CA GLU B 134 3.00 -12.22 -8.80
C GLU B 134 3.69 -11.83 -10.10
N TYR B 135 3.22 -10.74 -10.69
CA TYR B 135 3.77 -10.20 -11.94
C TYR B 135 4.54 -8.92 -11.66
N ALA B 136 5.49 -8.61 -12.50
CA ALA B 136 6.34 -7.43 -12.35
C ALA B 136 5.72 -6.14 -12.83
N ARG B 137 6.21 -5.06 -12.24
CA ARG B 137 5.95 -3.71 -12.68
C ARG B 137 7.33 -3.07 -12.93
N TYR B 138 7.53 -2.53 -14.12
CA TYR B 138 8.76 -1.82 -14.48
C TYR B 138 8.89 -0.58 -13.56
N GLU B 139 10.08 -0.39 -13.01
CA GLU B 139 10.38 0.71 -12.11
C GLU B 139 11.87 1.08 -12.25
N ASN B 140 12.15 2.21 -12.91
CA ASN B 140 13.50 2.77 -13.09
C ASN B 140 14.57 1.75 -13.58
N GLY B 141 14.28 1.00 -14.63
CA GLY B 141 15.22 0.02 -15.18
C GLY B 141 15.17 -1.37 -14.57
N HIS B 142 14.54 -1.48 -13.38
CA HIS B 142 14.36 -2.74 -12.68
C HIS B 142 12.86 -3.08 -12.53
N TYR B 143 12.51 -4.12 -11.74
CA TYR B 143 11.16 -4.64 -11.63
C TYR B 143 10.73 -4.78 -10.20
N SER B 144 9.49 -4.34 -9.92
N SER B 144 9.50 -4.32 -9.90
CA SER B 144 8.90 -4.39 -8.61
CA SER B 144 8.93 -4.40 -8.57
C SER B 144 7.77 -5.44 -8.53
C SER B 144 7.80 -5.44 -8.52
N TYR B 145 7.61 -6.05 -7.35
CA TYR B 145 6.58 -7.07 -7.09
C TYR B 145 5.93 -6.70 -5.77
N ARG B 146 4.62 -6.87 -5.67
CA ARG B 146 3.94 -6.49 -4.45
C ARG B 146 2.88 -7.51 -4.08
N ILE B 147 2.83 -7.89 -2.79
CA ILE B 147 1.73 -8.67 -2.20
C ILE B 147 1.10 -7.68 -1.21
N HIS B 148 -0.05 -7.11 -1.54
CA HIS B 148 -0.64 -6.07 -0.70
C HIS B 148 -1.86 -6.57 0.05
N ARG B 149 -1.83 -6.47 1.40
CA ARG B 149 -2.95 -6.78 2.29
C ARG B 149 -3.58 -8.13 2.02
N SER B 150 -2.76 -9.17 2.03
CA SER B 150 -3.26 -10.52 1.86
C SER B 150 -3.89 -10.88 3.24
N PRO B 151 -5.18 -11.29 3.28
CA PRO B 151 -5.80 -11.58 4.59
C PRO B 151 -5.14 -12.77 5.31
N LEU B 152 -4.90 -12.63 6.63
CA LEU B 152 -4.36 -13.73 7.43
C LEU B 152 -5.45 -14.80 7.48
N CYS B 153 -5.04 -16.07 7.42
N CYS B 153 -5.05 -16.08 7.36
CA CYS B 153 -5.99 -17.19 7.49
CA CYS B 153 -6.01 -17.18 7.40
C CYS B 153 -6.58 -17.28 8.90
C CYS B 153 -6.50 -17.41 8.85
N GLU B 154 -7.69 -18.01 9.01
CA GLU B 154 -8.38 -18.26 10.28
C GLU B 154 -7.47 -18.82 11.40
N TYR B 155 -6.59 -19.78 11.05
CA TYR B 155 -5.68 -20.40 12.01
C TYR B 155 -4.80 -19.35 12.72
N MET B 156 -4.30 -18.35 11.95
CA MET B 156 -3.45 -17.25 12.42
C MET B 156 -4.16 -16.34 13.41
N ILE B 157 -5.39 -15.91 13.08
CA ILE B 157 -6.23 -15.04 13.92
C ILE B 157 -6.52 -15.73 15.27
N ASN B 158 -6.96 -17.01 15.20
CA ASN B 158 -7.26 -17.89 16.34
C ASN B 158 -5.98 -18.03 17.19
N PHE B 159 -4.81 -18.28 16.55
CA PHE B 159 -3.51 -18.43 17.20
C PHE B 159 -3.10 -17.16 18.00
N ILE B 160 -3.20 -15.98 17.37
CA ILE B 160 -2.89 -14.69 17.98
C ILE B 160 -3.80 -14.46 19.23
N HIS B 161 -5.10 -14.75 19.10
CA HIS B 161 -6.08 -14.62 20.19
C HIS B 161 -5.69 -15.51 21.38
N LYS B 162 -5.38 -16.81 21.12
CA LYS B 162 -4.98 -17.77 22.15
C LYS B 162 -3.68 -17.37 22.86
N LEU B 163 -2.73 -16.80 22.10
CA LEU B 163 -1.44 -16.33 22.60
C LEU B 163 -1.61 -15.17 23.61
N LYS B 164 -2.37 -14.12 23.23
CA LYS B 164 -2.69 -12.96 24.07
C LYS B 164 -3.47 -13.35 25.35
N HIS B 165 -4.19 -14.49 25.31
CA HIS B 165 -4.98 -15.03 26.43
C HIS B 165 -4.09 -15.61 27.53
N LEU B 166 -2.86 -16.09 27.19
CA LEU B 166 -1.94 -16.68 28.16
C LEU B 166 -1.49 -15.65 29.21
N PRO B 167 -1.41 -16.03 30.50
CA PRO B 167 -1.06 -15.05 31.55
C PRO B 167 0.39 -14.59 31.59
N GLU B 168 1.35 -15.46 31.23
CA GLU B 168 2.78 -15.18 31.29
C GLU B 168 3.45 -15.11 29.92
N LYS B 169 4.44 -14.20 29.79
CA LYS B 169 5.24 -13.98 28.59
C LYS B 169 6.12 -15.19 28.28
N TYR B 170 6.59 -15.90 29.33
CA TYR B 170 7.40 -17.11 29.22
C TYR B 170 6.55 -18.19 28.53
N MET B 171 5.25 -18.27 28.89
CA MET B 171 4.29 -19.23 28.32
C MET B 171 4.11 -18.97 26.83
N MET B 172 3.98 -17.67 26.44
CA MET B 172 3.85 -17.25 25.06
C MET B 172 5.10 -17.64 24.29
N ASN B 173 6.29 -17.39 24.86
CA ASN B 173 7.55 -17.76 24.19
C ASN B 173 7.70 -19.25 24.01
N SER B 174 7.25 -20.07 24.99
N SER B 174 7.24 -20.05 25.00
CA SER B 174 7.32 -21.53 24.91
CA SER B 174 7.27 -21.51 24.98
C SER B 174 6.42 -22.04 23.79
C SER B 174 6.43 -22.02 23.81
N VAL B 175 5.21 -21.45 23.65
CA VAL B 175 4.28 -21.77 22.56
C VAL B 175 4.93 -21.34 21.21
N LEU B 176 5.51 -20.12 21.19
CA LEU B 176 6.16 -19.59 19.98
C LEU B 176 7.39 -20.36 19.50
N GLU B 177 8.05 -21.13 20.39
CA GLU B 177 9.20 -21.93 19.98
C GLU B 177 8.82 -22.94 18.89
N ASN B 178 7.55 -23.32 18.85
CA ASN B 178 6.99 -24.29 17.91
C ASN B 178 6.07 -23.69 16.88
N PHE B 179 6.13 -22.37 16.73
CA PHE B 179 5.35 -21.64 15.74
C PHE B 179 6.33 -21.00 14.75
N THR B 180 6.30 -21.44 13.49
CA THR B 180 7.23 -20.89 12.48
C THR B 180 6.53 -20.64 11.17
N ILE B 181 7.19 -19.84 10.32
CA ILE B 181 6.69 -19.50 8.99
C ILE B 181 7.84 -19.71 8.01
N LEU B 182 7.55 -20.39 6.89
CA LEU B 182 8.53 -20.62 5.84
C LEU B 182 7.99 -19.95 4.57
N GLN B 183 8.73 -18.94 4.08
CA GLN B 183 8.33 -18.25 2.85
C GLN B 183 9.29 -18.61 1.73
N VAL B 184 8.75 -19.14 0.62
CA VAL B 184 9.62 -19.51 -0.51
C VAL B 184 9.12 -18.77 -1.75
N VAL B 185 9.99 -17.95 -2.32
CA VAL B 185 9.68 -17.23 -3.55
C VAL B 185 10.42 -17.93 -4.68
N THR B 186 9.70 -18.34 -5.72
CA THR B 186 10.25 -19.09 -6.86
C THR B 186 10.02 -18.39 -8.19
N ASN B 187 10.95 -18.53 -9.13
CA ASN B 187 10.70 -18.06 -10.49
C ASN B 187 9.76 -19.14 -11.08
N ARG B 188 8.53 -18.76 -11.44
CA ARG B 188 7.55 -19.74 -11.93
C ARG B 188 8.05 -20.53 -13.16
N ASP B 189 8.74 -19.88 -14.09
CA ASP B 189 9.16 -20.50 -15.35
C ASP B 189 10.40 -21.39 -15.27
N THR B 190 11.31 -21.13 -14.32
CA THR B 190 12.56 -21.92 -14.21
C THR B 190 12.61 -22.79 -12.95
N GLN B 191 11.71 -22.52 -11.98
CA GLN B 191 11.65 -23.19 -10.66
C GLN B 191 12.85 -22.82 -9.74
N GLU B 192 13.62 -21.80 -10.10
CA GLU B 192 14.74 -21.37 -9.26
C GLU B 192 14.21 -20.74 -7.96
N THR B 193 14.86 -21.05 -6.81
CA THR B 193 14.52 -20.41 -5.56
C THR B 193 15.17 -19.02 -5.57
N LEU B 194 14.32 -18.00 -5.60
CA LEU B 194 14.78 -16.60 -5.57
C LEU B 194 15.05 -16.14 -4.17
N LEU B 195 14.21 -16.54 -3.22
CA LEU B 195 14.32 -16.22 -1.80
C LEU B 195 13.65 -17.30 -0.99
N CYS B 196 14.22 -17.62 0.15
CA CYS B 196 13.62 -18.56 1.09
C CYS B 196 13.90 -18.04 2.48
N ILE B 197 12.85 -17.65 3.17
CA ILE B 197 13.03 -17.01 4.48
C ILE B 197 12.30 -17.84 5.52
N ALA B 198 13.06 -18.28 6.50
CA ALA B 198 12.53 -19.07 7.63
C ALA B 198 12.34 -18.04 8.75
N TYR B 199 11.14 -17.95 9.34
CA TYR B 199 10.85 -16.99 10.42
C TYR B 199 10.59 -17.69 11.74
N VAL B 200 11.27 -17.23 12.78
CA VAL B 200 11.07 -17.73 14.14
C VAL B 200 10.68 -16.53 14.97
N PHE B 201 10.05 -16.80 16.12
CA PHE B 201 9.40 -15.79 16.93
C PHE B 201 9.66 -15.89 18.42
N GLU B 202 9.60 -14.70 19.02
CA GLU B 202 9.62 -14.43 20.42
C GLU B 202 8.70 -13.22 20.65
N VAL B 203 8.19 -13.06 21.88
CA VAL B 203 7.37 -11.87 22.17
C VAL B 203 8.34 -10.72 22.48
N SER B 204 8.02 -9.53 21.99
CA SER B 204 8.86 -8.39 22.26
C SER B 204 8.65 -7.87 23.67
N ALA B 205 9.76 -7.40 24.29
CA ALA B 205 9.78 -6.72 25.59
C ALA B 205 10.27 -5.26 25.37
N SER B 206 10.48 -4.85 24.10
CA SER B 206 11.00 -3.53 23.73
C SER B 206 9.99 -2.40 23.95
N GLU B 207 10.51 -1.19 24.27
CA GLU B 207 9.70 0.02 24.44
C GLU B 207 9.61 0.76 23.10
N HIS B 208 10.29 0.23 22.04
CA HIS B 208 10.32 0.82 20.69
C HIS B 208 9.62 -0.05 19.64
N GLY B 209 8.74 -0.92 20.09
CA GLY B 209 7.96 -1.83 19.26
C GLY B 209 8.69 -3.09 18.83
N ALA B 210 8.13 -3.78 17.85
CA ALA B 210 8.63 -5.03 17.24
C ALA B 210 10.05 -4.86 16.75
N GLN B 211 10.81 -5.95 16.83
CA GLN B 211 12.20 -5.92 16.43
C GLN B 211 12.54 -7.19 15.64
N HIS B 212 13.68 -7.18 14.97
CA HIS B 212 14.14 -8.35 14.25
C HIS B 212 15.64 -8.42 14.17
N HIS B 213 16.15 -9.63 13.93
N HIS B 213 16.15 -9.62 13.90
CA HIS B 213 17.53 -9.92 13.62
CA HIS B 213 17.55 -9.85 13.58
C HIS B 213 17.42 -10.73 12.33
C HIS B 213 17.48 -10.75 12.36
N ILE B 214 18.19 -10.38 11.27
CA ILE B 214 18.19 -11.12 10.02
C ILE B 214 19.50 -11.88 9.95
N TYR B 215 19.43 -13.15 9.61
CA TYR B 215 20.61 -13.98 9.52
C TYR B 215 20.69 -14.67 8.17
N ARG B 216 21.91 -14.98 7.75
CA ARG B 216 22.07 -15.85 6.58
C ARG B 216 21.92 -17.29 7.07
N LEU B 217 21.26 -18.14 6.30
CA LEU B 217 21.17 -19.57 6.63
C LEU B 217 22.33 -20.28 5.97
N VAL B 218 23.11 -21.00 6.72
CA VAL B 218 24.28 -21.64 6.12
C VAL B 218 24.40 -23.10 6.55
N LYS B 219 25.32 -23.82 5.90
CA LYS B 219 25.75 -25.16 6.29
C LYS B 219 27.28 -25.01 6.22
N GLU B 220 27.88 -24.54 7.34
CA GLU B 220 29.28 -24.11 7.51
C GLU B 220 30.03 -24.89 8.57
C ACE C 1 -17.89 34.57 -10.18
O ACE C 1 -18.03 34.77 -8.96
CH3 ACE C 1 -16.53 34.81 -10.85
N VAL C 2 -18.86 34.14 -10.98
CA VAL C 2 -20.23 33.84 -10.55
C VAL C 2 -20.26 32.77 -9.42
N PRO C 3 -20.98 33.01 -8.29
CA PRO C 3 -21.04 31.98 -7.23
C PRO C 3 -21.67 30.70 -7.79
N MET C 4 -21.12 29.54 -7.40
CA MET C 4 -21.55 28.22 -7.88
C MET C 4 -23.07 28.00 -7.79
N ARG C 5 -23.70 28.50 -6.70
CA ARG C 5 -25.14 28.40 -6.42
C ARG C 5 -26.06 28.91 -7.55
N LYS C 6 -25.61 29.91 -8.32
CA LYS C 6 -26.40 30.48 -9.42
C LYS C 6 -26.03 29.90 -10.81
N ARG C 7 -25.22 28.85 -10.84
CA ARG C 7 -24.81 28.23 -12.11
C ARG C 7 -25.79 27.15 -12.54
N GLN C 8 -25.77 26.81 -13.85
CA GLN C 8 -26.66 25.80 -14.45
C GLN C 8 -26.15 24.42 -14.07
N LEU C 9 -26.40 23.99 -12.84
CA LEU C 9 -25.85 22.70 -12.36
C LEU C 9 -26.95 21.73 -11.92
N PRO C 10 -26.70 20.41 -11.91
CA PRO C 10 -27.73 19.48 -11.42
C PRO C 10 -28.12 19.80 -9.97
N ALA C 11 -29.35 19.45 -9.58
CA ALA C 11 -29.90 19.58 -8.23
C ALA C 11 -28.99 18.78 -7.27
N SER C 12 -28.51 17.59 -7.72
CA SER C 12 -27.63 16.69 -6.93
C SER C 12 -26.33 17.34 -6.50
N PHE C 13 -25.87 18.38 -7.24
CA PHE C 13 -24.63 19.10 -6.93
C PHE C 13 -24.66 19.72 -5.52
N TRP C 14 -25.88 19.99 -5.00
CA TRP C 14 -26.09 20.62 -3.70
C TRP C 14 -26.71 19.65 -2.67
N GLU C 15 -26.70 18.35 -3.00
CA GLU C 15 -27.30 17.30 -2.18
C GLU C 15 -26.24 16.28 -1.82
N GLU C 16 -25.55 16.53 -0.72
CA GLU C 16 -24.50 15.58 -0.31
C GLU C 16 -25.16 14.19 -0.13
N PRO C 17 -24.58 13.12 -0.72
CA PRO C 17 -25.13 11.77 -0.49
C PRO C 17 -25.15 11.41 0.99
N NH2 C 18 -26.18 10.65 1.41
C ACE D 1 13.60 -30.86 21.66
O ACE D 1 13.08 -30.44 22.69
CH3 ACE D 1 12.81 -31.74 20.69
N VAL D 2 14.86 -30.60 21.30
CA VAL D 2 15.78 -29.80 22.12
C VAL D 2 15.31 -28.32 22.23
N PRO D 3 15.21 -27.77 23.48
CA PRO D 3 14.78 -26.36 23.62
C PRO D 3 15.74 -25.43 22.87
N MET D 4 15.18 -24.41 22.22
CA MET D 4 15.94 -23.46 21.41
C MET D 4 17.17 -22.88 22.14
N ARG D 5 17.04 -22.57 23.43
CA ARG D 5 18.11 -22.03 24.30
C ARG D 5 19.30 -22.98 24.41
N LYS D 6 19.11 -24.27 24.09
CA LYS D 6 20.16 -25.29 24.20
C LYS D 6 20.81 -25.59 22.84
N ARG D 7 20.38 -24.87 21.78
CA ARG D 7 20.85 -25.04 20.41
C ARG D 7 22.11 -24.20 20.10
N GLN D 8 22.85 -24.58 19.04
N GLN D 8 22.87 -24.58 19.08
CA GLN D 8 24.08 -23.89 18.61
CA GLN D 8 24.14 -23.92 18.76
C GLN D 8 23.69 -22.68 17.79
C GLN D 8 23.88 -22.69 17.87
N LEU D 9 23.38 -21.61 18.50
CA LEU D 9 22.93 -20.38 17.85
C LEU D 9 23.78 -19.17 18.22
N PRO D 10 23.77 -18.09 17.41
CA PRO D 10 24.55 -16.89 17.78
C PRO D 10 24.03 -16.27 19.07
N ALA D 11 24.90 -15.59 19.83
CA ALA D 11 24.54 -14.90 21.08
C ALA D 11 23.45 -13.86 20.82
N SER D 12 23.52 -13.18 19.63
CA SER D 12 22.53 -12.17 19.25
C SER D 12 21.11 -12.74 19.11
N PHE D 13 20.96 -14.07 18.96
CA PHE D 13 19.63 -14.70 18.82
C PHE D 13 18.78 -14.48 20.10
N TRP D 14 19.46 -14.22 21.22
CA TRP D 14 18.82 -14.01 22.53
C TRP D 14 18.97 -12.58 23.03
N GLU D 15 19.27 -11.64 22.12
CA GLU D 15 19.46 -10.23 22.51
C GLU D 15 18.53 -9.38 21.63
N GLU D 16 17.32 -9.13 22.08
CA GLU D 16 16.38 -8.31 21.31
C GLU D 16 17.01 -6.91 21.06
N PRO D 17 17.01 -6.41 19.82
CA PRO D 17 17.58 -5.07 19.56
C PRO D 17 16.89 -3.97 20.36
N NH2 D 18 15.63 -4.18 20.76
S SO4 E . -1.10 -3.36 -7.93
O1 SO4 E . -0.68 -4.74 -8.26
O2 SO4 E . -2.26 -3.48 -7.02
O3 SO4 E . -1.45 -2.62 -9.12
O4 SO4 E . 0.03 -2.69 -7.32
S SO4 F . -16.50 5.09 -1.74
O1 SO4 F . -17.15 6.19 -1.00
O2 SO4 F . -17.02 3.81 -1.30
O3 SO4 F . -15.06 5.19 -1.43
O4 SO4 F . -16.70 5.20 -3.20
S SO4 G . 12.24 -2.00 10.17
O1 SO4 G . 12.23 -2.38 11.57
O2 SO4 G . 10.87 -2.18 9.63
O3 SO4 G . 12.60 -0.61 10.03
O4 SO4 G . 13.20 -2.83 9.44
S SO4 H . 4.48 -1.38 -6.76
O1 SO4 H . 4.87 -0.44 -5.70
O2 SO4 H . 3.09 -1.79 -6.60
O3 SO4 H . 4.68 -0.64 -8.00
O4 SO4 H . 5.27 -2.59 -6.77
S SO4 I . -27.83 10.46 4.70
O1 SO4 I . -28.83 10.02 5.69
O2 SO4 I . -26.65 10.91 5.45
O3 SO4 I . -27.44 9.35 3.82
O4 SO4 I . -28.40 11.55 3.89
#